data_4OKW
#
_entry.id   4OKW
#
_cell.length_a   55.877
_cell.length_b   66.411
_cell.length_c   70.293
_cell.angle_alpha   90.00
_cell.angle_beta   90.00
_cell.angle_gamma   90.00
#
_symmetry.space_group_name_H-M   'P 21 21 21'
#
loop_
_entity.id
_entity.type
_entity.pdbx_description
1 polymer 'Androgen receptor'
2 polymer 'co-regulator peptide'
3 non-polymer R-BICALUTAMIDE
4 water water
#
loop_
_entity_poly.entity_id
_entity_poly.type
_entity_poly.pdbx_seq_one_letter_code
_entity_poly.pdbx_strand_id
1 'polypeptide(L)'
;QPIFLNVLEAIEPGVVCAGHDNNQPDSFAALLSSLNELGERQLVHVVKWAKALPGFRNLHVDDQMAVIQYSLMGLMVFAM
GWRSFTNVNSAMLYFAPDLVFNEYRMHKSRMYSQCVRMRHLSQEFGWLQITPQEFLCMKALLLFSIIPVDGLKNQKFFDE
LRMNYIKELDRIIACKRKNPTSCSRRFYQLTKLLDSVQPIARELHQFTFDLLIKSHMVSVDFPEMMAEIISVQVPKILSG
KVKPIYFHTQ
;
A
2 'polypeptide(L)' NTTDTLFSQHYR B
#
# COMPACT_ATOMS: atom_id res chain seq x y z
N PRO A 2 24.93 -2.31 9.29
CA PRO A 2 23.59 -1.77 9.54
C PRO A 2 22.52 -2.95 9.57
N ILE A 3 22.11 -3.42 10.78
CA ILE A 3 21.38 -4.71 10.93
C ILE A 3 19.93 -4.54 10.47
N PHE A 4 19.33 -3.44 10.86
CA PHE A 4 17.93 -3.25 10.56
C PHE A 4 17.78 -3.08 9.05
N LEU A 5 18.71 -2.37 8.43
CA LEU A 5 18.57 -2.10 7.02
C LEU A 5 18.90 -3.35 6.19
N ASN A 6 19.79 -4.16 6.75
CA ASN A 6 20.16 -5.42 6.12
C ASN A 6 18.92 -6.22 5.92
N VAL A 7 18.13 -6.29 6.98
CA VAL A 7 16.89 -7.07 7.03
C VAL A 7 15.84 -6.54 6.06
N LEU A 8 15.60 -5.22 6.05
CA LEU A 8 14.64 -4.67 5.06
C LEU A 8 15.01 -4.99 3.61
N GLU A 9 16.29 -4.83 3.28
CA GLU A 9 16.78 -5.06 1.91
C GLU A 9 16.64 -6.56 1.61
N ALA A 10 16.98 -7.40 2.56
CA ALA A 10 16.87 -8.87 2.39
C ALA A 10 15.44 -9.35 2.13
N ILE A 11 14.47 -8.77 2.85
CA ILE A 11 13.10 -9.23 2.71
C ILE A 11 12.29 -8.54 1.62
N GLU A 12 12.84 -7.52 0.93
CA GLU A 12 12.03 -6.68 0.00
C GLU A 12 11.45 -7.55 -1.15
N PRO A 13 10.11 -7.52 -1.38
CA PRO A 13 9.57 -8.40 -2.43
C PRO A 13 10.17 -8.03 -3.82
N GLY A 14 10.28 -9.02 -4.70
CA GLY A 14 10.74 -8.74 -6.06
C GLY A 14 9.55 -8.35 -6.92
N VAL A 15 9.64 -8.65 -8.21
CA VAL A 15 8.71 -8.22 -9.25
C VAL A 15 7.44 -9.04 -9.21
N VAL A 16 6.28 -8.38 -9.25
CA VAL A 16 5.00 -9.08 -9.29
C VAL A 16 4.29 -8.64 -10.58
N CYS A 17 3.96 -9.61 -11.44
CA CYS A 17 3.13 -9.34 -12.61
C CYS A 17 1.62 -9.46 -12.30
N ALA A 18 0.83 -8.75 -13.08
CA ALA A 18 -0.60 -8.74 -12.96
C ALA A 18 -1.30 -9.87 -13.75
N GLY A 19 -0.65 -10.40 -14.79
CA GLY A 19 -1.27 -11.36 -15.74
C GLY A 19 -2.20 -10.61 -16.70
N HIS A 20 -1.94 -9.33 -16.94
CA HIS A 20 -2.81 -8.57 -17.80
C HIS A 20 -2.65 -8.93 -19.30
N ASP A 21 -3.76 -9.11 -20.04
CA ASP A 21 -3.63 -9.41 -21.48
C ASP A 21 -3.47 -8.09 -22.23
N ASN A 22 -2.25 -7.76 -22.62
CA ASN A 22 -1.99 -6.45 -23.25
C ASN A 22 -2.39 -6.43 -24.77
N ASN A 23 -3.00 -7.51 -25.26
CA ASN A 23 -3.56 -7.53 -26.63
C ASN A 23 -5.04 -7.15 -26.67
N GLN A 24 -5.71 -7.21 -25.53
CA GLN A 24 -7.10 -6.74 -25.46
C GLN A 24 -7.08 -5.22 -25.36
N PRO A 25 -8.22 -4.54 -25.68
CA PRO A 25 -8.21 -3.10 -25.57
C PRO A 25 -8.45 -2.63 -24.13
N ASP A 26 -7.82 -1.52 -23.79
CA ASP A 26 -8.03 -0.93 -22.49
C ASP A 26 -9.51 -0.58 -22.24
N SER A 27 -10.27 -1.53 -21.72
CA SER A 27 -11.63 -1.28 -21.23
C SER A 27 -11.56 -1.10 -19.74
N PHE A 28 -12.60 -0.52 -19.19
CA PHE A 28 -12.69 -0.39 -17.77
C PHE A 28 -12.66 -1.77 -17.09
N ALA A 29 -13.48 -2.70 -17.59
CA ALA A 29 -13.65 -3.96 -16.89
C ALA A 29 -12.34 -4.77 -16.94
N ALA A 30 -11.61 -4.62 -18.06
CA ALA A 30 -10.36 -5.37 -18.25
C ALA A 30 -9.23 -4.88 -17.35
N LEU A 31 -9.06 -3.57 -17.35
CA LEU A 31 -8.05 -2.94 -16.53
C LEU A 31 -8.32 -3.21 -15.03
N LEU A 32 -9.58 -3.03 -14.65
CA LEU A 32 -10.02 -3.26 -13.28
C LEU A 32 -9.76 -4.71 -12.88
N SER A 33 -10.36 -5.65 -13.60
CA SER A 33 -10.11 -7.05 -13.31
C SER A 33 -8.61 -7.40 -13.10
N SER A 34 -7.71 -6.83 -13.91
CA SER A 34 -6.29 -7.05 -13.70
C SER A 34 -5.78 -6.34 -12.45
N LEU A 35 -6.25 -5.10 -12.17
CA LEU A 35 -5.78 -4.45 -10.94
C LEU A 35 -6.15 -5.28 -9.71
N ASN A 36 -7.35 -5.90 -9.74
CA ASN A 36 -7.86 -6.64 -8.59
C ASN A 36 -7.03 -7.90 -8.44
N GLU A 37 -6.73 -8.53 -9.56
CA GLU A 37 -5.88 -9.72 -9.52
C GLU A 37 -4.48 -9.32 -9.01
N LEU A 38 -3.93 -8.23 -9.53
CA LEU A 38 -2.65 -7.73 -9.05
C LEU A 38 -2.71 -7.43 -7.56
N GLY A 39 -3.82 -6.88 -7.11
CA GLY A 39 -3.85 -6.56 -5.66
C GLY A 39 -3.74 -7.83 -4.84
N GLU A 40 -4.37 -8.91 -5.27
CA GLU A 40 -4.24 -10.14 -4.47
C GLU A 40 -2.82 -10.67 -4.49
N ARG A 41 -2.20 -10.63 -5.67
CA ARG A 41 -0.83 -11.09 -5.82
C ARG A 41 0.12 -10.29 -4.96
N GLN A 42 -0.07 -8.99 -4.93
CA GLN A 42 0.77 -8.17 -4.07
C GLN A 42 0.46 -8.44 -2.58
N LEU A 43 -0.79 -8.66 -2.22
CA LEU A 43 -1.10 -8.96 -0.81
C LEU A 43 -0.39 -10.25 -0.38
N VAL A 44 -0.36 -11.24 -1.26
CA VAL A 44 0.32 -12.53 -0.88
C VAL A 44 1.79 -12.20 -0.53
N HIS A 45 2.44 -11.33 -1.32
CA HIS A 45 3.84 -10.91 -1.03
C HIS A 45 3.99 -10.01 0.19
N VAL A 46 3.05 -9.07 0.38
CA VAL A 46 3.05 -8.22 1.57
C VAL A 46 2.94 -9.06 2.84
N VAL A 47 2.13 -10.10 2.82
CA VAL A 47 2.00 -10.92 4.02
C VAL A 47 3.38 -11.58 4.34
N LYS A 48 4.03 -12.15 3.35
CA LYS A 48 5.34 -12.85 3.62
C LYS A 48 6.38 -11.89 4.07
N TRP A 49 6.43 -10.75 3.40
CA TRP A 49 7.26 -9.61 3.86
C TRP A 49 7.01 -9.22 5.33
N ALA A 50 5.75 -8.87 5.66
CA ALA A 50 5.42 -8.35 7.00
C ALA A 50 5.78 -9.33 8.08
N LYS A 51 5.45 -10.61 7.87
CA LYS A 51 5.79 -11.69 8.80
C LYS A 51 7.29 -11.78 9.11
N ALA A 52 8.12 -11.28 8.20
CA ALA A 52 9.60 -11.31 8.29
C ALA A 52 10.25 -10.04 8.80
N LEU A 53 9.43 -9.05 9.16
CA LEU A 53 9.97 -7.76 9.57
C LEU A 53 10.38 -7.79 11.04
N PRO A 54 11.44 -7.06 11.40
CA PRO A 54 11.86 -7.09 12.82
C PRO A 54 10.72 -6.74 13.80
N GLY A 55 10.55 -7.60 14.81
CA GLY A 55 9.51 -7.42 15.86
C GLY A 55 8.06 -7.71 15.51
N PHE A 56 7.74 -7.94 14.22
CA PHE A 56 6.33 -7.99 13.80
C PHE A 56 5.57 -9.12 14.47
N ARG A 57 6.26 -10.27 14.60
CA ARG A 57 5.69 -11.44 15.32
C ARG A 57 5.40 -11.18 16.80
N ASN A 58 5.94 -10.09 17.36
CA ASN A 58 5.58 -9.63 18.72
C ASN A 58 4.11 -9.26 18.84
N LEU A 59 3.47 -8.81 17.76
CA LEU A 59 2.07 -8.44 17.80
C LEU A 59 1.23 -9.68 18.00
N HIS A 60 0.14 -9.55 18.76
CA HIS A 60 -0.93 -10.54 18.74
C HIS A 60 -1.26 -10.89 17.29
N VAL A 61 -1.57 -12.16 17.04
CA VAL A 61 -1.82 -12.62 15.67
C VAL A 61 -2.94 -11.87 15.00
N ASP A 62 -3.96 -11.52 15.77
CA ASP A 62 -5.12 -10.90 15.18
C ASP A 62 -4.76 -9.46 14.77
N ASP A 63 -3.86 -8.87 15.53
CA ASP A 63 -3.41 -7.50 15.29
C ASP A 63 -2.45 -7.55 14.06
N GLN A 64 -1.62 -8.60 13.98
CA GLN A 64 -0.84 -8.81 12.76
C GLN A 64 -1.76 -8.77 11.51
N MET A 65 -2.82 -9.59 11.48
CA MET A 65 -3.66 -9.68 10.30
C MET A 65 -4.40 -8.38 10.05
N ALA A 66 -4.83 -7.72 11.14
CA ALA A 66 -5.56 -6.48 10.96
C ALA A 66 -4.71 -5.40 10.26
N VAL A 67 -3.53 -5.16 10.82
CA VAL A 67 -2.66 -4.09 10.38
C VAL A 67 -2.25 -4.30 8.90
N ILE A 68 -2.01 -5.55 8.51
CA ILE A 68 -1.67 -5.82 7.09
C ILE A 68 -2.84 -5.45 6.19
N GLN A 69 -4.04 -5.89 6.56
CA GLN A 69 -5.20 -5.57 5.76
C GLN A 69 -5.54 -4.05 5.72
N TYR A 70 -5.43 -3.36 6.85
CA TYR A 70 -5.73 -1.94 6.86
C TYR A 70 -4.69 -1.14 6.07
N SER A 71 -3.45 -1.57 6.14
CA SER A 71 -2.38 -0.80 5.51
C SER A 71 -2.05 -1.20 4.09
N LEU A 72 -2.67 -2.31 3.58
CA LEU A 72 -2.29 -2.84 2.29
C LEU A 72 -2.36 -1.74 1.20
N MET A 73 -3.47 -0.98 1.12
CA MET A 73 -3.59 -0.01 0.02
C MET A 73 -2.40 0.99 0.00
N GLY A 74 -2.10 1.55 1.19
CA GLY A 74 -1.07 2.58 1.33
C GLY A 74 0.30 1.99 0.96
N LEU A 75 0.53 0.76 1.40
CA LEU A 75 1.79 0.06 1.04
C LEU A 75 1.91 -0.10 -0.45
N MET A 76 0.83 -0.49 -1.08
CA MET A 76 0.87 -0.79 -2.51
C MET A 76 1.08 0.55 -3.29
N VAL A 77 0.47 1.63 -2.79
CA VAL A 77 0.57 2.94 -3.48
C VAL A 77 1.99 3.43 -3.34
N PHE A 78 2.51 3.39 -2.13
CA PHE A 78 3.87 3.87 -1.88
C PHE A 78 4.92 3.10 -2.69
N ALA A 79 4.82 1.76 -2.69
CA ALA A 79 5.79 0.94 -3.45
C ALA A 79 5.57 1.18 -4.94
N MET A 80 4.32 1.43 -5.35
CA MET A 80 4.07 1.66 -6.78
C MET A 80 4.71 2.98 -7.18
N GLY A 81 4.60 4.01 -6.32
CA GLY A 81 5.15 5.33 -6.66
C GLY A 81 6.67 5.19 -6.81
N TRP A 82 7.27 4.37 -5.96
CA TRP A 82 8.74 4.15 -6.03
C TRP A 82 9.14 3.44 -7.32
N ARG A 83 8.39 2.38 -7.69
CA ARG A 83 8.62 1.67 -9.01
C ARG A 83 8.50 2.58 -10.20
N SER A 84 7.46 3.42 -10.17
CA SER A 84 7.24 4.46 -11.18
C SER A 84 8.45 5.39 -11.35
N PHE A 85 9.00 5.80 -10.22
CA PHE A 85 10.10 6.73 -10.16
C PHE A 85 11.34 6.10 -10.71
N THR A 86 11.67 4.92 -10.21
CA THR A 86 12.89 4.31 -10.58
C THR A 86 12.82 3.69 -11.99
N ASN A 87 11.62 3.38 -12.50
CA ASN A 87 11.58 2.64 -13.78
C ASN A 87 11.35 3.51 -14.97
N VAL A 88 10.56 4.55 -14.79
CA VAL A 88 10.05 5.32 -15.90
C VAL A 88 10.04 6.81 -15.51
N ASN A 89 10.87 7.19 -14.54
CA ASN A 89 10.90 8.58 -13.96
C ASN A 89 9.60 9.27 -13.80
N SER A 90 8.65 8.55 -13.21
CA SER A 90 7.34 9.06 -12.93
C SER A 90 6.58 9.46 -14.20
N ALA A 91 7.09 9.07 -15.38
CA ALA A 91 6.37 9.37 -16.65
C ALA A 91 5.01 8.67 -16.68
N MET A 92 4.98 7.42 -16.22
CA MET A 92 3.75 6.62 -16.22
C MET A 92 3.66 5.81 -14.91
N LEU A 93 2.50 5.21 -14.62
CA LEU A 93 2.35 4.48 -13.35
C LEU A 93 2.67 3.01 -13.57
N TYR A 94 3.71 2.56 -12.89
CA TYR A 94 4.22 1.21 -13.12
C TYR A 94 3.62 0.25 -12.07
N PHE A 95 2.36 -0.11 -12.27
CA PHE A 95 1.69 -1.00 -11.32
C PHE A 95 2.44 -2.36 -11.34
N ALA A 96 2.75 -2.84 -12.56
CA ALA A 96 3.48 -4.09 -12.77
C ALA A 96 4.14 -3.99 -14.14
N PRO A 97 5.10 -4.90 -14.45
CA PRO A 97 5.78 -4.81 -15.75
C PRO A 97 4.79 -4.97 -16.89
N ASP A 98 3.71 -5.74 -16.65
CA ASP A 98 2.71 -5.98 -17.66
C ASP A 98 1.44 -5.15 -17.44
N LEU A 99 1.50 -4.13 -16.56
CA LEU A 99 0.36 -3.27 -16.35
C LEU A 99 0.90 -1.87 -16.01
N VAL A 100 1.38 -1.20 -17.05
CA VAL A 100 1.93 0.16 -16.94
C VAL A 100 0.86 1.12 -17.46
N PHE A 101 0.49 2.13 -16.68
CA PHE A 101 -0.58 3.04 -17.06
C PHE A 101 0.01 4.27 -17.70
N ASN A 102 -0.37 4.51 -18.96
CA ASN A 102 -0.20 5.82 -19.59
C ASN A 102 -1.45 6.67 -19.28
N GLU A 103 -1.52 7.91 -19.81
CA GLU A 103 -2.72 8.76 -19.55
C GLU A 103 -4.01 8.18 -20.03
N TYR A 104 -3.95 7.48 -21.17
CA TYR A 104 -5.18 6.95 -21.69
C TYR A 104 -5.74 5.90 -20.69
N ARG A 105 -4.85 5.10 -20.13
CA ARG A 105 -5.24 4.07 -19.17
C ARG A 105 -5.86 4.74 -17.96
N MET A 106 -5.11 5.67 -17.37
CA MET A 106 -5.61 6.47 -16.25
C MET A 106 -7.03 6.90 -16.50
N HIS A 107 -7.33 7.30 -17.75
CA HIS A 107 -8.69 7.77 -18.05
C HIS A 107 -9.61 6.58 -18.17
N LYS A 108 -9.22 5.58 -18.94
CA LYS A 108 -10.06 4.38 -19.10
C LYS A 108 -10.42 3.63 -17.82
N SER A 109 -9.52 3.70 -16.83
CA SER A 109 -9.77 3.02 -15.55
C SER A 109 -10.78 3.77 -14.65
N ARG A 110 -11.12 5.02 -14.99
CA ARG A 110 -12.08 5.84 -14.22
C ARG A 110 -11.44 6.18 -12.86
N MET A 111 -10.11 6.10 -12.82
CA MET A 111 -9.35 6.37 -11.60
C MET A 111 -8.43 7.54 -11.85
N TYR A 112 -8.78 8.42 -12.80
CA TYR A 112 -7.81 9.44 -13.27
C TYR A 112 -7.31 10.38 -12.14
N SER A 113 -8.24 10.90 -11.31
CA SER A 113 -7.84 11.86 -10.26
C SER A 113 -6.92 11.16 -9.32
N GLN A 114 -7.23 9.89 -8.98
CA GLN A 114 -6.33 9.20 -8.04
C GLN A 114 -5.04 8.91 -8.74
N CYS A 115 -5.08 8.51 -10.04
CA CYS A 115 -3.80 8.30 -10.75
C CYS A 115 -2.89 9.55 -10.76
N VAL A 116 -3.51 10.72 -10.89
CA VAL A 116 -2.75 11.96 -10.93
C VAL A 116 -2.04 12.20 -9.60
N ARG A 117 -2.78 12.05 -8.51
CA ARG A 117 -2.17 12.06 -7.15
C ARG A 117 -1.01 11.05 -7.00
N MET A 118 -1.23 9.83 -7.52
CA MET A 118 -0.14 8.84 -7.38
C MET A 118 1.08 9.23 -8.20
N ARG A 119 0.86 9.75 -9.42
CA ARG A 119 2.00 10.27 -10.15
C ARG A 119 2.67 11.46 -9.38
N HIS A 120 1.90 12.33 -8.78
CA HIS A 120 2.55 13.42 -8.05
C HIS A 120 3.52 12.86 -6.92
N LEU A 121 3.02 11.86 -6.17
CA LEU A 121 3.80 11.13 -5.17
C LEU A 121 5.06 10.53 -5.76
N SER A 122 4.90 9.92 -6.93
CA SER A 122 6.03 9.32 -7.58
C SER A 122 7.04 10.42 -7.89
N GLN A 123 6.57 11.58 -8.35
CA GLN A 123 7.53 12.72 -8.62
C GLN A 123 8.22 13.21 -7.35
N GLU A 124 7.52 13.13 -6.21
CA GLU A 124 8.11 13.56 -4.94
C GLU A 124 9.35 12.80 -4.65
N PHE A 125 9.38 11.53 -5.07
CA PHE A 125 10.57 10.71 -4.80
C PHE A 125 11.74 11.29 -5.52
N GLY A 126 11.50 11.89 -6.68
CA GLY A 126 12.58 12.60 -7.40
C GLY A 126 12.83 13.97 -6.81
N TRP A 127 11.73 14.71 -6.54
CA TRP A 127 11.83 16.09 -6.04
C TRP A 127 12.52 16.16 -4.68
N LEU A 128 12.43 15.07 -3.89
CA LEU A 128 13.09 14.99 -2.57
C LEU A 128 14.37 14.22 -2.61
N GLN A 129 14.72 13.64 -3.75
CA GLN A 129 15.93 12.80 -3.76
C GLN A 129 15.91 11.66 -2.71
N ILE A 130 14.75 11.00 -2.58
CA ILE A 130 14.61 9.97 -1.56
C ILE A 130 15.56 8.83 -1.88
N THR A 131 16.30 8.35 -0.90
CA THR A 131 17.18 7.22 -1.12
C THR A 131 16.50 5.84 -1.01
N PRO A 132 17.09 4.80 -1.67
CA PRO A 132 16.55 3.42 -1.52
C PRO A 132 16.41 3.04 -0.05
N GLN A 133 17.37 3.43 0.79
CA GLN A 133 17.30 3.12 2.23
C GLN A 133 16.17 3.89 2.95
N GLU A 134 15.97 5.15 2.56
CA GLU A 134 14.88 5.94 3.13
C GLU A 134 13.57 5.29 2.69
N PHE A 135 13.52 4.93 1.41
CA PHE A 135 12.31 4.28 0.84
C PHE A 135 11.91 3.07 1.69
N LEU A 136 12.87 2.19 1.93
CA LEU A 136 12.62 0.97 2.67
C LEU A 136 12.14 1.17 4.13
N CYS A 137 12.74 2.10 4.88
CA CYS A 137 12.27 2.43 6.27
C CYS A 137 10.88 3.05 6.33
N MET A 138 10.62 3.95 5.38
CA MET A 138 9.34 4.66 5.28
C MET A 138 8.24 3.62 4.93
N LYS A 139 8.54 2.72 4.00
CA LYS A 139 7.54 1.74 3.64
C LYS A 139 7.23 0.81 4.84
N ALA A 140 8.27 0.33 5.55
CA ALA A 140 8.12 -0.48 6.81
C ALA A 140 7.21 0.30 7.81
N LEU A 141 7.47 1.61 7.96
CA LEU A 141 6.60 2.43 8.84
C LEU A 141 5.15 2.53 8.40
N LEU A 142 4.88 2.54 7.09
CA LEU A 142 3.48 2.59 6.61
C LEU A 142 2.66 1.37 7.07
N LEU A 143 3.31 0.24 7.31
CA LEU A 143 2.54 -0.89 7.86
C LEU A 143 2.00 -0.53 9.26
N PHE A 144 2.71 0.34 9.97
CA PHE A 144 2.32 0.65 11.34
C PHE A 144 1.68 2.04 11.42
N SER A 145 1.00 2.41 10.37
CA SER A 145 0.43 3.76 10.31
C SER A 145 -1.09 3.84 10.24
N ILE A 146 -1.79 2.73 10.51
CA ILE A 146 -3.30 2.75 10.48
C ILE A 146 -3.89 1.72 11.41
N ILE A 147 -4.77 2.19 12.30
CA ILE A 147 -5.29 1.38 13.40
C ILE A 147 -6.74 1.75 13.83
N PRO A 148 -7.45 0.83 14.53
CA PRO A 148 -8.80 1.08 15.04
C PRO A 148 -8.63 2.20 16.06
N VAL A 149 -9.51 3.18 15.96
CA VAL A 149 -9.60 4.32 16.93
C VAL A 149 -9.73 3.78 18.38
N ASP A 150 -10.39 2.63 18.54
CA ASP A 150 -10.48 1.95 19.83
C ASP A 150 -9.34 1.08 20.20
N GLY A 151 -8.32 1.03 19.33
CA GLY A 151 -7.09 0.32 19.65
C GLY A 151 -7.10 -1.12 19.20
N LEU A 152 -5.92 -1.71 19.26
CA LEU A 152 -5.65 -3.05 18.81
C LEU A 152 -5.82 -3.95 20.03
N LYS A 153 -5.81 -5.26 19.80
CA LYS A 153 -5.80 -6.27 20.89
C LYS A 153 -4.63 -6.10 21.84
N ASN A 154 -3.40 -6.02 21.36
CA ASN A 154 -2.35 -5.56 22.26
C ASN A 154 -1.71 -4.29 21.78
N GLN A 155 -2.36 -3.18 22.12
CA GLN A 155 -1.92 -1.83 21.70
C GLN A 155 -0.51 -1.43 22.16
N LYS A 156 -0.07 -1.87 23.35
CA LYS A 156 1.28 -1.52 23.87
C LYS A 156 2.40 -2.07 22.99
N PHE A 157 2.29 -3.33 22.60
CA PHE A 157 3.22 -3.94 21.63
C PHE A 157 3.32 -3.24 20.27
N PHE A 158 2.15 -2.83 19.78
CA PHE A 158 2.12 -2.05 18.55
C PHE A 158 2.80 -0.71 18.75
N ASP A 159 2.48 0.02 19.81
CA ASP A 159 3.06 1.37 19.98
C ASP A 159 4.60 1.29 20.08
N GLU A 160 5.09 0.28 20.76
CA GLU A 160 6.52 0.08 20.92
C GLU A 160 7.19 -0.26 19.59
N LEU A 161 6.52 -1.05 18.76
CA LEU A 161 7.08 -1.31 17.43
C LEU A 161 7.13 -0.07 16.56
N ARG A 162 6.00 0.64 16.50
CA ARG A 162 5.92 1.89 15.74
C ARG A 162 7.05 2.85 16.16
N MET A 163 7.24 2.97 17.47
CA MET A 163 8.23 3.86 18.02
C MET A 163 9.63 3.48 17.50
N ASN A 164 9.91 2.17 17.49
CA ASN A 164 11.21 1.71 16.99
C ASN A 164 11.41 1.88 15.52
N TYR A 165 10.33 1.74 14.73
CA TYR A 165 10.45 2.01 13.27
C TYR A 165 10.67 3.53 12.98
N ILE A 166 10.05 4.36 13.80
CA ILE A 166 10.33 5.82 13.68
C ILE A 166 11.82 6.12 13.95
N LYS A 167 12.36 5.47 15.00
CA LYS A 167 13.72 5.63 15.45
C LYS A 167 14.69 5.12 14.38
N GLU A 168 14.31 4.03 13.68
CA GLU A 168 15.15 3.56 12.60
C GLU A 168 15.16 4.54 11.45
N LEU A 169 14.00 5.11 11.15
CA LEU A 169 13.93 6.12 10.09
C LEU A 169 14.80 7.34 10.47
N ASP A 170 14.82 7.71 11.75
CA ASP A 170 15.62 8.86 12.15
C ASP A 170 17.11 8.51 12.10
N ARG A 171 17.47 7.28 12.50
CA ARG A 171 18.89 6.80 12.46
C ARG A 171 19.41 6.69 11.01
N ILE A 172 18.53 6.35 10.08
CA ILE A 172 18.84 6.35 8.65
C ILE A 172 18.90 7.77 8.04
N ILE A 173 18.29 8.74 8.73
CA ILE A 173 18.53 10.17 8.48
C ILE A 173 19.81 10.71 9.24
N ALA A 174 20.28 10.01 10.28
CA ALA A 174 21.45 10.46 11.06
C ALA A 174 22.82 10.01 10.52
N CYS A 183 18.15 18.37 8.01
CA CYS A 183 18.28 17.13 8.79
C CYS A 183 17.01 16.92 9.61
N SER A 184 16.64 17.98 10.33
CA SER A 184 15.33 18.06 10.90
C SER A 184 14.43 18.53 9.78
N ARG A 185 14.98 19.25 8.80
CA ARG A 185 14.20 19.51 7.59
C ARG A 185 13.85 18.21 6.82
N ARG A 186 14.76 17.26 6.83
CA ARG A 186 14.64 15.98 6.12
C ARG A 186 13.45 15.22 6.72
N PHE A 187 13.48 15.12 8.05
CA PHE A 187 12.44 14.47 8.80
C PHE A 187 11.09 15.13 8.63
N TYR A 188 11.01 16.47 8.66
CA TYR A 188 9.74 17.14 8.35
C TYR A 188 9.28 16.65 6.99
N GLN A 189 10.19 16.60 6.04
CA GLN A 189 9.72 16.38 4.68
C GLN A 189 9.30 14.94 4.43
N LEU A 190 10.03 14.01 5.02
CA LEU A 190 9.67 12.61 4.85
C LEU A 190 8.36 12.29 5.55
N THR A 191 8.11 12.87 6.75
CA THR A 191 6.89 12.61 7.50
C THR A 191 5.70 13.21 6.75
N LYS A 192 5.95 14.37 6.15
CA LYS A 192 4.97 14.93 5.26
C LYS A 192 4.69 14.02 4.02
N LEU A 193 5.74 13.47 3.44
CA LEU A 193 5.51 12.59 2.27
C LEU A 193 4.68 11.34 2.72
N LEU A 194 5.11 10.69 3.81
CA LEU A 194 4.33 9.59 4.45
C LEU A 194 2.85 9.93 4.69
N ASP A 195 2.57 11.12 5.24
CA ASP A 195 1.16 11.53 5.43
C ASP A 195 0.33 11.63 4.12
N SER A 196 1.00 12.06 3.04
CA SER A 196 0.36 12.26 1.71
C SER A 196 -0.11 10.95 1.11
N VAL A 197 0.44 9.83 1.59
CA VAL A 197 -0.05 8.50 1.15
C VAL A 197 -1.49 8.28 1.58
N GLN A 198 -1.87 8.68 2.81
CA GLN A 198 -3.16 8.31 3.37
C GLN A 198 -4.37 8.83 2.62
N PRO A 199 -4.36 10.14 2.25
CA PRO A 199 -5.56 10.56 1.53
C PRO A 199 -5.70 9.80 0.20
N ILE A 200 -4.58 9.44 -0.45
CA ILE A 200 -4.68 8.69 -1.74
C ILE A 200 -5.25 7.32 -1.47
N ALA A 201 -4.77 6.70 -0.39
CA ALA A 201 -5.24 5.33 -0.07
C ALA A 201 -6.74 5.39 0.21
N ARG A 202 -7.16 6.45 0.93
CA ARG A 202 -8.59 6.54 1.28
C ARG A 202 -9.46 6.69 0.03
N GLU A 203 -9.06 7.55 -0.92
CA GLU A 203 -9.84 7.61 -2.17
C GLU A 203 -9.85 6.32 -2.95
N LEU A 204 -8.73 5.61 -2.94
CA LEU A 204 -8.73 4.32 -3.61
C LEU A 204 -9.61 3.35 -2.89
N HIS A 205 -9.56 3.35 -1.55
CA HIS A 205 -10.50 2.49 -0.81
C HIS A 205 -11.96 2.86 -1.11
N GLN A 206 -12.24 4.16 -1.25
CA GLN A 206 -13.67 4.52 -1.57
C GLN A 206 -14.05 4.01 -2.95
N PHE A 207 -13.13 4.20 -3.90
CA PHE A 207 -13.40 3.76 -5.29
C PHE A 207 -13.57 2.25 -5.34
N THR A 208 -12.70 1.56 -4.59
CA THR A 208 -12.71 0.08 -4.54
C THR A 208 -14.02 -0.52 -3.94
N PHE A 209 -14.45 0.08 -2.83
CA PHE A 209 -15.69 -0.32 -2.19
C PHE A 209 -16.86 -0.09 -3.15
N ASP A 210 -16.95 1.10 -3.73
CA ASP A 210 -18.07 1.36 -4.66
C ASP A 210 -18.09 0.37 -5.81
N LEU A 211 -16.88 0.08 -6.33
CA LEU A 211 -16.74 -0.80 -7.47
C LEU A 211 -17.19 -2.21 -7.15
N LEU A 212 -16.85 -2.69 -5.96
CA LEU A 212 -17.25 -4.00 -5.56
C LEU A 212 -18.81 -4.05 -5.44
N ILE A 213 -19.43 -3.02 -4.87
CA ILE A 213 -20.92 -3.00 -4.70
C ILE A 213 -21.61 -3.10 -6.06
N LYS A 214 -21.07 -2.38 -7.06
CA LYS A 214 -21.65 -2.43 -8.41
C LYS A 214 -20.92 -3.39 -9.39
N SER A 215 -20.10 -4.28 -8.87
CA SER A 215 -19.21 -5.05 -9.75
C SER A 215 -19.93 -5.95 -10.75
N HIS A 216 -21.05 -6.55 -10.33
CA HIS A 216 -21.86 -7.38 -11.26
C HIS A 216 -22.37 -6.54 -12.44
N MET A 217 -22.77 -5.31 -12.16
CA MET A 217 -23.29 -4.42 -13.20
C MET A 217 -22.23 -3.99 -14.24
N VAL A 218 -20.96 -3.90 -13.84
CA VAL A 218 -19.94 -3.38 -14.76
C VAL A 218 -18.96 -4.47 -15.23
N SER A 219 -19.22 -5.71 -14.80
CA SER A 219 -18.52 -6.93 -15.27
C SER A 219 -17.07 -6.97 -14.80
N VAL A 220 -16.86 -6.53 -13.56
CA VAL A 220 -15.52 -6.52 -12.96
C VAL A 220 -15.42 -7.68 -12.00
N ASP A 221 -14.31 -8.39 -12.12
CA ASP A 221 -14.11 -9.59 -11.41
C ASP A 221 -13.20 -9.31 -10.19
N PHE A 222 -13.60 -9.74 -9.00
CA PHE A 222 -12.77 -9.65 -7.76
C PHE A 222 -12.43 -11.05 -7.26
N PRO A 223 -11.13 -11.32 -7.04
CA PRO A 223 -10.87 -12.60 -6.37
C PRO A 223 -11.59 -12.64 -5.02
N GLU A 224 -12.03 -13.83 -4.61
CA GLU A 224 -12.76 -14.04 -3.34
C GLU A 224 -12.13 -13.37 -2.09
N MET A 225 -10.82 -13.45 -1.97
CA MET A 225 -10.19 -12.92 -0.78
C MET A 225 -10.19 -11.36 -0.73
N MET A 226 -10.09 -10.74 -1.90
CA MET A 226 -10.14 -9.29 -2.04
C MET A 226 -11.60 -8.83 -1.79
N ALA A 227 -12.58 -9.57 -2.26
CA ALA A 227 -14.00 -9.30 -1.94
C ALA A 227 -14.31 -9.24 -0.40
N GLU A 228 -13.83 -10.23 0.34
CA GLU A 228 -13.96 -10.33 1.73
C GLU A 228 -13.28 -9.16 2.41
N ILE A 229 -12.03 -8.88 2.04
CA ILE A 229 -11.35 -7.73 2.62
C ILE A 229 -12.13 -6.44 2.36
N ILE A 230 -12.60 -6.22 1.14
CA ILE A 230 -13.30 -5.02 0.81
C ILE A 230 -14.61 -4.93 1.62
N SER A 231 -15.28 -6.05 1.86
CA SER A 231 -16.60 -5.99 2.49
C SER A 231 -16.54 -6.02 4.03
N VAL A 232 -15.41 -6.49 4.58
CA VAL A 232 -15.25 -6.71 6.02
C VAL A 232 -14.32 -5.65 6.63
N GLN A 233 -13.20 -5.39 5.95
CA GLN A 233 -12.18 -4.54 6.55
C GLN A 233 -12.26 -3.13 6.11
N VAL A 234 -12.37 -2.96 4.79
CA VAL A 234 -12.32 -1.62 4.19
C VAL A 234 -13.47 -0.67 4.76
N PRO A 235 -14.70 -1.21 4.97
CA PRO A 235 -15.81 -0.38 5.59
C PRO A 235 -15.47 0.09 7.02
N LYS A 236 -14.65 -0.64 7.78
CA LYS A 236 -14.13 -0.06 9.06
C LYS A 236 -13.39 1.24 8.83
N ILE A 237 -12.67 1.31 7.73
CA ILE A 237 -11.91 2.51 7.44
C ILE A 237 -12.89 3.57 6.91
N LEU A 238 -13.78 3.19 6.00
CA LEU A 238 -14.57 4.25 5.39
C LEU A 238 -15.57 4.75 6.44
N SER A 239 -15.99 3.87 7.33
CA SER A 239 -16.86 4.33 8.45
C SER A 239 -16.17 5.10 9.58
N GLY A 240 -14.84 5.23 9.57
CA GLY A 240 -14.14 6.03 10.62
C GLY A 240 -13.78 5.23 11.87
N LYS A 241 -14.06 3.92 11.89
CA LYS A 241 -13.63 3.09 12.99
C LYS A 241 -12.11 2.83 13.01
N VAL A 242 -11.51 2.88 11.82
CA VAL A 242 -10.11 2.57 11.66
C VAL A 242 -9.57 3.77 10.97
N LYS A 243 -8.56 4.39 11.55
CA LYS A 243 -8.02 5.64 11.01
C LYS A 243 -6.50 5.70 10.95
N PRO A 244 -5.95 6.41 9.95
CA PRO A 244 -4.49 6.58 9.80
C PRO A 244 -3.90 7.33 10.99
N ILE A 245 -2.65 7.05 11.33
CA ILE A 245 -1.89 7.89 12.26
C ILE A 245 -1.15 8.88 11.38
N TYR A 246 -1.55 10.17 11.44
CA TYR A 246 -0.82 11.22 10.73
C TYR A 246 0.29 11.77 11.61
N PHE A 247 1.39 12.14 11.01
CA PHE A 247 2.35 12.89 11.77
C PHE A 247 1.86 14.35 12.05
N HIS A 248 1.28 14.97 11.01
CA HIS A 248 1.07 16.43 10.90
C HIS A 248 -0.41 16.76 10.99
N ASP B 4 -11.65 -19.23 10.05
CA ASP B 4 -12.98 -18.66 9.67
C ASP B 4 -12.89 -17.86 8.35
N THR B 5 -12.53 -16.58 8.48
CA THR B 5 -12.21 -15.61 7.41
C THR B 5 -11.23 -16.20 6.33
N LEU B 6 -11.43 -15.84 5.06
CA LEU B 6 -10.50 -16.27 3.99
C LEU B 6 -9.09 -15.75 4.24
N PHE B 7 -8.97 -14.51 4.71
CA PHE B 7 -7.64 -13.98 5.03
C PHE B 7 -6.93 -14.75 6.16
N SER B 8 -7.64 -14.97 7.28
CA SER B 8 -7.05 -15.69 8.42
C SER B 8 -6.63 -17.09 8.01
N GLN B 9 -7.44 -17.75 7.17
CA GLN B 9 -7.01 -19.04 6.60
C GLN B 9 -5.83 -18.96 5.62
N HIS B 10 -5.73 -17.91 4.82
CA HIS B 10 -4.46 -17.63 4.11
C HIS B 10 -3.31 -17.38 5.07
N TYR B 11 -3.58 -16.68 6.17
CA TYR B 11 -2.51 -16.22 7.06
C TYR B 11 -2.01 -17.36 7.94
#